data_8X9O
#
_entry.id   8X9O
#
_cell.length_a   1.00
_cell.length_b   1.00
_cell.length_c   1.00
_cell.angle_alpha   90.00
_cell.angle_beta   90.00
_cell.angle_gamma   90.00
#
_symmetry.space_group_name_H-M   'P 1'
#
loop_
_entity.id
_entity.type
_entity.pdbx_description
1 polymer 'RNA (811-mer)'
2 non-polymer 'CALCIUM ION'
3 non-polymer 'POTASSIUM ION'
4 water water
#
_entity_poly.entity_id   1
_entity_poly.type   'polyribonucleotide'
_entity_poly.pdbx_seq_one_letter_code
;GGCCGGGGCGCCACCCCGGAAGUGAUGCGAGUCGCCAACUCGCAUCACAAGCAAACGCUGUAGCCGCGUGCCUCUAAUAG
GGCUGGCGCGGUUGCGAAGGGCGCUGGUGAGUGCAACUCUCACCUUCGACCCAAUCCAUCUUGCGGCUCAACCCCGCAAG
AUCAUCGCCAGACCGCUGGCGGCGUACUGAGUGACAAACGGGGCAAAACCAAAUUGAAGUUGGGCGACCGUGAAACGGCG
CUGGGCAGGAAAUGGCCCAGUGACCUGGUCAAUGGUGAAAGUCGGUGAAAGACCGACCGGUGGGGCGUAUCGAAAGAGCG
CAACACCUGCCGCACAGGAUGGCUUCUGAGGUACCGGUGACGGUACAGAACGCGGAGGGGAAACCUGGAAGCGAGGGCAC
CUCGGGAAACCGGGGGUCGAUGCAUAGCUCAAACCUGUAACGGCACCAGUGGAGGGUGCUGUGCGGAGCAACGUGGAGCC
ACAGGCAUGAAGCCGUGGUUCGUAGUCGAUGAGACAAGCGGUGAGUAAGGGAAGGGCUUGCGAACAUCGCCUCCCCGAAA
UCCAAGGAAAGCCGAAAGGCUAGCCGCUUUGUUGAGACAGUGGCGCCACGUUGCGCAUUAGCCGUGACCUAAACGGGGAA
CCUCUUGGCCGUACCGACUCGGGUGGCACCGGUCGGGCUCGAUGGCUCAAGAGGGGGAGAUGUGAUGAUUAGGGUUUGAC
CCGUGAUGCGAUACGACCGAAGCAUCCGGGGAGCUGUCUGACGAAGAGUCGGCAGCAGUGGGUUUGGCGACCCGCUCCGA
AAGUCGCAAGC
;
_entity_poly.pdbx_strand_id   A
#